data_2YQS
#
_entry.id   2YQS
#
_cell.length_a   61.947
_cell.length_b   90.868
_cell.length_c   94.884
_cell.angle_alpha   90.00
_cell.angle_beta   90.00
_cell.angle_gamma   90.00
#
_symmetry.space_group_name_H-M   'P 21 21 21'
#
loop_
_entity.id
_entity.type
_entity.pdbx_description
1 polymer 'UDP-N-acetylglucosamine pyrophosphorylase'
2 non-polymer 'SULFATE ION'
3 non-polymer 'MAGNESIUM ION'
4 non-polymer URIDINE-DIPHOSPHATE-N-ACETYLGLUCOSAMINE
5 non-polymer GLYCEROL
6 water water
#
_entity_poly.entity_id   1
_entity_poly.type   'polypeptide(L)'
_entity_poly.pdbx_seq_one_letter_code
;MTVKSQQQIIDSFKQANQDQLFQYYDSLTIDQQQEFIDQLSTIEEPAKLISTVEQAIQFSQTNSTSRNFTQLPNEQTAST
LDLSKDILQNWTELGLKAIGNGEVAVLLMAGGQGTRLGSSAPKGCFNIELPSQKSLFQIQAEKILKIEQLAQQYLKSTKK
PIINWYIMTSGPTRNATESFFIENNYFGLNSHQVIFFNQGTLPCFNLQGNKILLELKNSICQSPDGNGGLYKALKDNGIL
DDLNSKGIKHIHMYCVDNCLVKVADPIFIGFAIAKKFDLATKVVRKRDANESVGLIVLDQDNQKPCVIEYSEISQELANK
KDPQDSSKLFLRAANIVNHYYSVEFLNKMIPKWISSQKYLPFHIAKKKIPSLNLENGEFYKPTEPNGIKLEQFIFDVFPS
VELNKFGCLEVDRLDEFSPLKNADGAKNDTPTTCRNHYLERSSKWVIQNGGVIDNQGLVEVDSKTSYGGEGLEFVNGKHF
KNGDII
;
_entity_poly.pdbx_strand_id   A
#
loop_
_chem_comp.id
_chem_comp.type
_chem_comp.name
_chem_comp.formula
GOL non-polymer GLYCEROL 'C3 H8 O3'
MG non-polymer 'MAGNESIUM ION' 'Mg 2'
SO4 non-polymer 'SULFATE ION' 'O4 S -2'
UD1 non-polymer URIDINE-DIPHOSPHATE-N-ACETYLGLUCOSAMINE 'C17 H27 N3 O17 P2'
#
# COMPACT_ATOMS: atom_id res chain seq x y z
N VAL A 3 -29.49 5.52 15.47
CA VAL A 3 -30.61 6.26 14.80
C VAL A 3 -31.85 5.38 14.64
N LYS A 4 -31.71 4.27 13.92
CA LYS A 4 -32.83 3.35 13.72
C LYS A 4 -32.92 2.30 14.80
N SER A 5 -34.12 1.79 15.04
CA SER A 5 -34.34 0.77 16.05
C SER A 5 -33.75 -0.56 15.59
N GLN A 6 -33.64 -1.49 16.53
CA GLN A 6 -33.10 -2.81 16.24
C GLN A 6 -33.96 -3.48 15.16
N GLN A 7 -35.28 -3.40 15.31
CA GLN A 7 -36.19 -4.00 14.34
C GLN A 7 -36.12 -3.35 12.95
N GLN A 8 -35.90 -2.03 12.92
CA GLN A 8 -35.79 -1.33 11.64
C GLN A 8 -34.58 -1.82 10.85
N ILE A 9 -33.51 -2.18 11.56
CA ILE A 9 -32.32 -2.67 10.88
C ILE A 9 -32.61 -4.06 10.31
N ILE A 10 -33.25 -4.89 11.12
CA ILE A 10 -33.61 -6.24 10.70
C ILE A 10 -34.46 -6.15 9.44
N ASP A 11 -35.47 -5.29 9.48
CA ASP A 11 -36.38 -5.11 8.36
C ASP A 11 -35.68 -4.60 7.09
N SER A 12 -34.71 -3.71 7.23
CA SER A 12 -34.04 -3.21 6.05
C SER A 12 -33.19 -4.31 5.40
N PHE A 13 -32.72 -5.28 6.19
CA PHE A 13 -31.94 -6.37 5.61
C PHE A 13 -32.85 -7.41 4.97
N LYS A 14 -34.05 -7.56 5.52
CA LYS A 14 -35.01 -8.51 4.96
C LYS A 14 -35.59 -7.96 3.66
N GLN A 15 -35.78 -6.66 3.60
CA GLN A 15 -36.29 -6.01 2.40
C GLN A 15 -35.24 -6.13 1.29
N ALA A 16 -33.98 -6.28 1.70
CA ALA A 16 -32.88 -6.42 0.77
C ALA A 16 -32.64 -7.89 0.48
N ASN A 17 -33.62 -8.73 0.85
CA ASN A 17 -33.57 -10.17 0.63
C ASN A 17 -32.46 -10.91 1.37
N GLN A 18 -32.11 -10.42 2.56
CA GLN A 18 -31.06 -11.06 3.34
C GLN A 18 -31.61 -11.83 4.54
N ASP A 19 -32.76 -12.47 4.33
CA ASP A 19 -33.43 -13.24 5.39
C ASP A 19 -32.60 -14.36 5.98
N GLN A 20 -31.65 -14.90 5.21
CA GLN A 20 -30.83 -15.98 5.73
C GLN A 20 -30.01 -15.54 6.92
N LEU A 21 -29.71 -14.24 6.99
CA LEU A 21 -28.92 -13.74 8.11
C LEU A 21 -29.60 -13.95 9.46
N PHE A 22 -30.93 -14.07 9.45
CA PHE A 22 -31.67 -14.24 10.69
C PHE A 22 -32.17 -15.65 10.92
N GLN A 23 -31.61 -16.60 10.19
CA GLN A 23 -32.01 -17.99 10.30
C GLN A 23 -31.95 -18.52 11.73
N TYR A 24 -30.92 -18.13 12.48
CA TYR A 24 -30.78 -18.59 13.86
C TYR A 24 -31.07 -17.50 14.89
N TYR A 25 -31.51 -16.33 14.43
CA TYR A 25 -31.75 -15.21 15.33
C TYR A 25 -32.50 -15.54 16.61
N ASP A 26 -33.64 -16.23 16.48
CA ASP A 26 -34.46 -16.60 17.64
C ASP A 26 -33.80 -17.53 18.64
N SER A 27 -32.80 -18.29 18.22
CA SER A 27 -32.13 -19.20 19.15
C SER A 27 -30.99 -18.50 19.89
N LEU A 28 -30.73 -17.23 19.56
CA LEU A 28 -29.66 -16.48 20.20
C LEU A 28 -30.12 -15.84 21.51
N THR A 29 -29.18 -15.58 22.42
CA THR A 29 -29.54 -14.90 23.66
C THR A 29 -29.79 -13.46 23.24
N ILE A 30 -30.44 -12.68 24.11
CA ILE A 30 -30.72 -11.28 23.79
C ILE A 30 -29.42 -10.51 23.60
N ASP A 31 -28.41 -10.82 24.39
CA ASP A 31 -27.14 -10.11 24.24
C ASP A 31 -26.52 -10.39 22.86
N GLN A 32 -26.56 -11.65 22.42
CA GLN A 32 -26.02 -12.00 21.11
C GLN A 32 -26.81 -11.31 20.00
N GLN A 33 -28.12 -11.21 20.20
CA GLN A 33 -28.98 -10.55 19.21
C GLN A 33 -28.58 -9.08 19.07
N GLN A 34 -28.46 -8.38 20.19
CA GLN A 34 -28.10 -6.96 20.19
C GLN A 34 -26.73 -6.75 19.58
N GLU A 35 -25.79 -7.64 19.90
CA GLU A 35 -24.45 -7.55 19.38
C GLU A 35 -24.49 -7.74 17.86
N PHE A 36 -25.33 -8.67 17.41
CA PHE A 36 -25.50 -9.00 16.00
C PHE A 36 -26.04 -7.80 15.21
N ILE A 37 -27.11 -7.20 15.71
CA ILE A 37 -27.69 -6.06 15.04
C ILE A 37 -26.78 -4.84 15.06
N ASP A 38 -25.98 -4.70 16.12
CA ASP A 38 -25.03 -3.59 16.18
C ASP A 38 -24.08 -3.75 15.00
N GLN A 39 -23.64 -4.98 14.77
CA GLN A 39 -22.74 -5.28 13.67
C GLN A 39 -23.40 -4.97 12.34
N LEU A 40 -24.66 -5.35 12.19
CA LEU A 40 -25.38 -5.11 10.94
C LEU A 40 -25.61 -3.62 10.69
N SER A 41 -25.77 -2.85 11.76
CA SER A 41 -26.04 -1.42 11.66
C SER A 41 -24.86 -0.60 11.12
N THR A 42 -23.66 -1.16 11.20
CA THR A 42 -22.47 -0.45 10.68
C THR A 42 -22.50 -0.45 9.16
N ILE A 43 -23.33 -1.32 8.58
CA ILE A 43 -23.44 -1.40 7.13
C ILE A 43 -24.36 -0.30 6.62
N GLU A 44 -23.76 0.75 6.09
CA GLU A 44 -24.51 1.88 5.57
C GLU A 44 -25.20 1.53 4.25
N GLU A 45 -26.54 1.59 4.26
CA GLU A 45 -27.39 1.31 3.10
C GLU A 45 -27.22 -0.10 2.54
N PRO A 46 -27.77 -1.11 3.24
CA PRO A 46 -27.67 -2.52 2.81
C PRO A 46 -28.21 -2.85 1.42
N ALA A 47 -29.44 -2.45 1.12
CA ALA A 47 -30.04 -2.72 -0.19
C ALA A 47 -29.19 -2.16 -1.33
N LYS A 48 -28.68 -0.95 -1.15
CA LYS A 48 -27.84 -0.31 -2.16
C LYS A 48 -26.52 -1.08 -2.34
N LEU A 49 -25.91 -1.48 -1.23
CA LEU A 49 -24.66 -2.21 -1.29
C LEU A 49 -24.82 -3.52 -2.07
N ILE A 50 -25.83 -4.29 -1.70
CA ILE A 50 -26.09 -5.58 -2.33
C ILE A 50 -26.39 -5.40 -3.82
N SER A 51 -27.16 -4.36 -4.13
CA SER A 51 -27.52 -4.05 -5.51
C SER A 51 -26.21 -3.78 -6.27
N THR A 52 -25.35 -2.98 -5.66
CA THR A 52 -24.07 -2.64 -6.26
C THR A 52 -23.18 -3.86 -6.44
N VAL A 53 -23.13 -4.73 -5.42
CA VAL A 53 -22.31 -5.93 -5.54
C VAL A 53 -22.82 -6.77 -6.70
N GLU A 54 -24.13 -6.91 -6.80
CA GLU A 54 -24.73 -7.69 -7.88
C GLU A 54 -24.41 -7.11 -9.25
N GLN A 55 -24.59 -5.80 -9.41
CA GLN A 55 -24.30 -5.15 -10.66
C GLN A 55 -22.81 -5.35 -10.98
N ALA A 56 -21.97 -5.23 -9.95
CA ALA A 56 -20.53 -5.41 -10.11
C ALA A 56 -20.19 -6.80 -10.64
N ILE A 57 -20.86 -7.81 -10.10
CA ILE A 57 -20.63 -9.18 -10.54
C ILE A 57 -21.10 -9.43 -11.98
N GLN A 58 -22.31 -9.00 -12.30
CA GLN A 58 -22.83 -9.21 -13.65
C GLN A 58 -22.21 -8.24 -14.65
N PHE A 59 -21.22 -7.48 -14.20
CA PHE A 59 -20.54 -6.52 -15.05
C PHE A 59 -19.10 -7.00 -15.29
N SER A 60 -18.75 -8.13 -14.68
CA SER A 60 -17.42 -8.69 -14.84
C SER A 60 -17.51 -10.12 -15.35
N ASN A 68 -8.60 -0.74 -24.78
CA ASN A 68 -7.75 0.11 -25.60
C ASN A 68 -6.67 0.82 -24.77
N PHE A 69 -5.55 0.14 -24.53
CA PHE A 69 -4.48 0.75 -23.74
C PHE A 69 -3.17 0.88 -24.48
N THR A 70 -2.37 1.85 -24.06
CA THR A 70 -1.09 2.10 -24.66
C THR A 70 -0.19 2.67 -23.57
N GLN A 71 1.05 3.00 -23.91
CA GLN A 71 1.99 3.54 -22.95
C GLN A 71 1.71 5.01 -22.69
N LEU A 72 2.08 5.48 -21.50
CA LEU A 72 1.88 6.86 -21.12
C LEU A 72 2.75 7.79 -21.97
N PRO A 73 2.24 8.98 -22.26
CA PRO A 73 3.03 9.93 -23.06
C PRO A 73 4.35 10.19 -22.35
N ASN A 74 5.41 10.39 -23.13
CA ASN A 74 6.74 10.67 -22.60
C ASN A 74 6.77 11.93 -21.73
N GLU A 75 5.87 12.87 -22.01
CA GLU A 75 5.82 14.11 -21.26
C GLU A 75 5.49 13.90 -19.78
N GLN A 76 4.81 12.80 -19.47
CA GLN A 76 4.42 12.52 -18.09
C GLN A 76 5.33 11.50 -17.38
N THR A 77 6.42 11.10 -18.03
CA THR A 77 7.34 10.12 -17.44
C THR A 77 8.78 10.62 -17.32
N ALA A 78 9.51 9.98 -16.41
CA ALA A 78 10.93 10.27 -16.15
C ALA A 78 11.52 9.02 -15.50
N SER A 79 12.84 8.86 -15.60
CA SER A 79 13.49 7.70 -15.01
C SER A 79 14.75 8.07 -14.27
N THR A 80 14.91 7.55 -13.05
CA THR A 80 16.10 7.83 -12.25
C THR A 80 17.28 7.09 -12.86
N LEU A 81 17.01 6.21 -13.82
CA LEU A 81 18.07 5.46 -14.48
C LEU A 81 18.70 6.31 -15.57
N ASP A 82 17.93 7.27 -16.08
CA ASP A 82 18.39 8.14 -17.17
C ASP A 82 18.75 9.58 -16.80
N LEU A 83 18.14 10.13 -15.75
CA LEU A 83 18.41 11.50 -15.35
C LEU A 83 19.83 11.73 -14.88
N SER A 84 20.37 12.92 -15.13
CA SER A 84 21.72 13.24 -14.71
C SER A 84 21.75 13.47 -13.19
N LYS A 85 22.92 13.33 -12.61
CA LYS A 85 23.06 13.55 -11.17
C LYS A 85 22.58 14.94 -10.75
N ASP A 86 22.89 15.97 -11.56
CA ASP A 86 22.45 17.32 -11.21
C ASP A 86 20.94 17.46 -11.12
N ILE A 87 20.22 16.82 -12.03
CA ILE A 87 18.77 16.89 -12.00
C ILE A 87 18.23 16.15 -10.77
N LEU A 88 18.77 14.95 -10.51
CA LEU A 88 18.35 14.17 -9.35
C LEU A 88 18.69 14.92 -8.06
N GLN A 89 19.84 15.61 -8.05
CA GLN A 89 20.22 16.36 -6.87
C GLN A 89 19.25 17.52 -6.66
N ASN A 90 18.87 18.18 -7.75
CA ASN A 90 17.94 19.29 -7.69
C ASN A 90 16.63 18.83 -7.07
N TRP A 91 16.09 17.72 -7.55
CA TRP A 91 14.83 17.18 -7.04
C TRP A 91 14.97 16.78 -5.58
N THR A 92 16.13 16.20 -5.25
CA THR A 92 16.40 15.80 -3.88
C THR A 92 16.29 17.02 -2.96
N GLU A 93 16.89 18.13 -3.38
CA GLU A 93 16.88 19.35 -2.58
C GLU A 93 15.48 19.91 -2.40
N LEU A 94 14.68 19.89 -3.47
CA LEU A 94 13.31 20.36 -3.37
C LEU A 94 12.58 19.46 -2.37
N GLY A 95 12.82 18.17 -2.46
CA GLY A 95 12.18 17.23 -1.56
C GLY A 95 12.62 17.45 -0.12
N LEU A 96 13.91 17.62 0.11
CA LEU A 96 14.42 17.86 1.47
C LEU A 96 13.90 19.17 2.06
N LYS A 97 13.74 20.19 1.21
CA LYS A 97 13.24 21.48 1.67
C LYS A 97 11.80 21.32 2.15
N ALA A 98 11.00 20.60 1.36
CA ALA A 98 9.61 20.36 1.72
C ALA A 98 9.55 19.64 3.07
N ILE A 99 10.40 18.62 3.23
CA ILE A 99 10.47 17.88 4.49
C ILE A 99 10.92 18.82 5.61
N GLY A 100 11.95 19.59 5.33
CA GLY A 100 12.48 20.52 6.31
C GLY A 100 11.45 21.54 6.78
N ASN A 101 10.46 21.84 5.95
CA ASN A 101 9.40 22.79 6.33
C ASN A 101 8.14 22.12 6.87
N GLY A 102 8.24 20.85 7.27
CA GLY A 102 7.09 20.14 7.80
C GLY A 102 5.92 20.01 6.83
N GLU A 103 6.20 20.05 5.53
CA GLU A 103 5.14 19.97 4.53
C GLU A 103 4.92 18.55 3.99
N VAL A 104 5.62 17.57 4.56
CA VAL A 104 5.50 16.21 4.07
C VAL A 104 5.03 15.20 5.11
N ALA A 105 4.12 14.34 4.69
CA ALA A 105 3.61 13.28 5.54
C ALA A 105 3.69 12.00 4.72
N VAL A 106 3.76 10.89 5.41
CA VAL A 106 3.83 9.58 4.78
C VAL A 106 2.59 8.78 5.20
N LEU A 107 2.03 8.02 4.27
CA LEU A 107 0.86 7.22 4.59
C LEU A 107 1.19 5.75 4.31
N LEU A 108 1.20 4.94 5.35
CA LEU A 108 1.50 3.54 5.23
C LEU A 108 0.25 2.65 5.22
N MET A 109 0.11 1.85 4.17
CA MET A 109 -1.02 0.94 4.06
C MET A 109 -0.59 -0.40 4.68
N ALA A 110 -1.17 -0.72 5.83
CA ALA A 110 -0.85 -1.97 6.52
C ALA A 110 -2.14 -2.61 7.04
N GLY A 111 -3.16 -2.63 6.19
CA GLY A 111 -4.44 -3.23 6.55
C GLY A 111 -4.60 -4.61 5.94
N GLY A 112 -3.67 -4.98 5.06
CA GLY A 112 -3.72 -6.30 4.43
C GLY A 112 -3.37 -7.41 5.42
N GLN A 113 -3.87 -8.61 5.17
CA GLN A 113 -3.61 -9.76 6.06
C GLN A 113 -2.55 -10.72 5.51
N GLY A 114 -1.92 -10.36 4.39
CA GLY A 114 -0.90 -11.18 3.77
C GLY A 114 -1.10 -12.68 3.83
N THR A 115 -2.27 -13.14 3.37
CA THR A 115 -2.61 -14.55 3.38
C THR A 115 -1.52 -15.42 2.72
N ARG A 116 -1.05 -14.99 1.55
CA ARG A 116 0.00 -15.71 0.83
C ARG A 116 1.22 -16.01 1.70
N LEU A 117 1.51 -15.13 2.65
CA LEU A 117 2.66 -15.33 3.52
C LEU A 117 2.36 -16.27 4.67
N GLY A 118 1.10 -16.29 5.11
CA GLY A 118 0.70 -17.18 6.18
C GLY A 118 1.27 -16.86 7.56
N SER A 119 1.50 -15.58 7.84
CA SER A 119 2.02 -15.19 9.14
C SER A 119 0.83 -14.91 10.05
N SER A 120 1.03 -15.09 11.35
CA SER A 120 -0.04 -14.84 12.32
C SER A 120 -0.04 -13.38 12.75
N ALA A 121 1.12 -12.72 12.59
CA ALA A 121 1.26 -11.32 12.96
C ALA A 121 1.20 -10.42 11.71
N PRO A 122 0.99 -9.12 11.91
CA PRO A 122 0.94 -8.20 10.77
C PRO A 122 2.24 -8.28 9.96
N LYS A 123 2.13 -8.23 8.64
CA LYS A 123 3.29 -8.33 7.76
C LYS A 123 4.42 -7.38 8.17
N GLY A 124 4.05 -6.18 8.63
CA GLY A 124 5.03 -5.19 9.04
C GLY A 124 5.99 -5.66 10.13
N CYS A 125 5.51 -6.56 10.99
CA CYS A 125 6.31 -7.11 12.09
C CYS A 125 7.21 -8.22 11.57
N PHE A 126 7.01 -8.64 10.33
CA PHE A 126 7.82 -9.75 9.83
C PHE A 126 9.32 -9.48 9.83
N ASN A 127 10.07 -10.54 10.13
CA ASN A 127 11.53 -10.51 10.19
C ASN A 127 12.13 -11.36 9.06
N ILE A 128 12.63 -10.69 8.01
CA ILE A 128 13.23 -11.42 6.89
C ILE A 128 14.63 -11.95 7.21
N GLU A 129 14.99 -11.88 8.48
CA GLU A 129 16.26 -12.38 9.00
C GLU A 129 17.54 -11.70 8.52
N LEU A 130 17.52 -10.38 8.49
CA LEU A 130 18.72 -9.62 8.15
C LEU A 130 19.60 -9.79 9.39
N PRO A 131 20.92 -9.55 9.26
CA PRO A 131 21.75 -9.70 10.45
C PRO A 131 21.18 -8.87 11.62
N SER A 132 20.64 -7.70 11.31
CA SER A 132 20.08 -6.82 12.33
C SER A 132 18.76 -7.34 12.91
N GLN A 133 18.12 -8.27 12.20
CA GLN A 133 16.85 -8.84 12.68
C GLN A 133 15.77 -7.75 12.77
N LYS A 134 15.90 -6.69 11.98
CA LYS A 134 14.91 -5.62 11.99
C LYS A 134 13.64 -6.01 11.25
N SER A 135 12.49 -5.64 11.81
CA SER A 135 11.21 -5.93 11.16
C SER A 135 11.00 -4.91 10.04
N LEU A 136 10.05 -5.16 9.16
CA LEU A 136 9.79 -4.22 8.09
C LEU A 136 9.37 -2.86 8.68
N PHE A 137 8.58 -2.89 9.76
CA PHE A 137 8.15 -1.64 10.40
C PHE A 137 9.34 -0.81 10.87
N GLN A 138 10.29 -1.45 11.55
CA GLN A 138 11.48 -0.75 12.07
C GLN A 138 12.34 -0.14 10.99
N ILE A 139 12.50 -0.84 9.87
CA ILE A 139 13.29 -0.34 8.78
C ILE A 139 12.65 0.96 8.26
N GLN A 140 11.35 0.93 8.03
CA GLN A 140 10.63 2.11 7.55
C GLN A 140 10.72 3.27 8.56
N ALA A 141 10.57 2.94 9.84
CA ALA A 141 10.67 3.93 10.90
C ALA A 141 12.04 4.61 10.86
N GLU A 142 13.10 3.81 10.75
CA GLU A 142 14.45 4.36 10.71
C GLU A 142 14.73 5.13 9.42
N LYS A 143 14.07 4.74 8.32
CA LYS A 143 14.25 5.47 7.06
C LYS A 143 13.68 6.88 7.30
N ILE A 144 12.55 6.96 7.97
CA ILE A 144 11.92 8.24 8.26
C ILE A 144 12.81 9.12 9.15
N LEU A 145 13.32 8.52 10.22
CA LEU A 145 14.20 9.25 11.14
C LEU A 145 15.41 9.76 10.39
N LYS A 146 16.00 8.91 9.56
CA LYS A 146 17.18 9.29 8.80
C LYS A 146 16.93 10.44 7.82
N ILE A 147 15.89 10.34 7.00
CA ILE A 147 15.62 11.42 6.03
C ILE A 147 15.31 12.74 6.76
N GLU A 148 14.72 12.66 7.97
CA GLU A 148 14.46 13.88 8.74
C GLU A 148 15.81 14.52 9.08
N GLN A 149 16.76 13.68 9.47
CA GLN A 149 18.09 14.13 9.84
C GLN A 149 18.85 14.69 8.65
N LEU A 150 18.68 14.05 7.49
CA LEU A 150 19.36 14.50 6.29
C LEU A 150 18.80 15.87 5.87
N ALA A 151 17.51 16.07 6.08
CA ALA A 151 16.87 17.36 5.75
C ALA A 151 17.37 18.41 6.72
N GLN A 152 17.44 18.05 8.01
CA GLN A 152 17.92 18.97 9.03
C GLN A 152 19.34 19.42 8.70
N GLN A 153 20.19 18.48 8.28
CA GLN A 153 21.58 18.77 7.95
C GLN A 153 21.66 19.67 6.69
N TYR A 154 20.83 19.39 5.71
CA TYR A 154 20.81 20.16 4.46
C TYR A 154 20.40 21.62 4.71
N LEU A 155 19.34 21.82 5.48
CA LEU A 155 18.86 23.16 5.76
C LEU A 155 19.57 23.81 6.96
N LYS A 156 20.42 23.03 7.64
CA LYS A 156 21.14 23.53 8.80
C LYS A 156 20.20 23.97 9.92
N SER A 157 19.15 23.18 10.18
CA SER A 157 18.19 23.49 11.23
C SER A 157 18.72 23.10 12.61
N THR A 158 18.19 23.75 13.64
CA THR A 158 18.59 23.48 15.01
C THR A 158 18.01 22.15 15.48
N LYS A 159 16.80 21.85 15.03
CA LYS A 159 16.15 20.59 15.37
C LYS A 159 15.64 19.95 14.09
N LYS A 160 15.45 18.63 14.12
CA LYS A 160 14.99 17.94 12.94
C LYS A 160 13.51 18.16 12.66
N PRO A 161 13.15 18.24 11.38
CA PRO A 161 11.76 18.45 10.97
C PRO A 161 11.00 17.16 11.25
N ILE A 162 9.68 17.26 11.26
CA ILE A 162 8.86 16.11 11.53
C ILE A 162 8.05 15.66 10.33
N ILE A 163 8.07 14.36 10.08
CA ILE A 163 7.28 13.79 9.02
C ILE A 163 6.25 12.93 9.76
N ASN A 164 4.99 13.34 9.70
CA ASN A 164 3.95 12.58 10.35
C ASN A 164 3.77 11.31 9.57
N TRP A 165 3.68 10.20 10.29
CA TRP A 165 3.54 8.89 9.72
C TRP A 165 2.17 8.30 10.04
N TYR A 166 1.25 8.43 9.09
CA TYR A 166 -0.08 7.90 9.24
C TYR A 166 -0.09 6.45 8.80
N ILE A 167 -0.42 5.55 9.72
CA ILE A 167 -0.44 4.14 9.42
C ILE A 167 -1.86 3.59 9.40
N MET A 168 -2.32 3.22 8.22
CA MET A 168 -3.67 2.67 8.07
C MET A 168 -3.65 1.15 8.33
N THR A 169 -4.32 0.76 9.39
CA THR A 169 -4.42 -0.63 9.78
C THR A 169 -5.88 -1.03 9.51
N SER A 170 -6.19 -2.30 9.76
CA SER A 170 -7.56 -2.78 9.60
C SER A 170 -7.91 -3.39 10.95
N GLY A 171 -9.20 -3.66 11.19
CA GLY A 171 -9.61 -4.27 12.45
C GLY A 171 -8.67 -5.41 12.84
N PRO A 172 -8.42 -6.37 11.93
CA PRO A 172 -7.53 -7.50 12.23
C PRO A 172 -6.04 -7.23 12.45
N THR A 173 -5.50 -6.09 12.02
CA THR A 173 -4.08 -5.85 12.25
C THR A 173 -3.80 -4.72 13.26
N ARG A 174 -4.83 -3.97 13.64
CA ARG A 174 -4.70 -2.83 14.55
C ARG A 174 -4.02 -3.06 15.92
N ASN A 175 -4.61 -3.91 16.76
CA ASN A 175 -4.05 -4.13 18.09
C ASN A 175 -2.58 -4.56 18.12
N ALA A 176 -2.25 -5.59 17.36
CA ALA A 176 -0.87 -6.08 17.31
C ALA A 176 0.04 -4.98 16.76
N THR A 177 -0.39 -4.34 15.68
CA THR A 177 0.41 -3.27 15.08
C THR A 177 0.75 -2.17 16.11
N GLU A 178 -0.28 -1.57 16.70
CA GLU A 178 -0.05 -0.51 17.68
C GLU A 178 0.73 -1.01 18.92
N SER A 179 0.38 -2.19 19.42
CA SER A 179 1.09 -2.71 20.58
C SER A 179 2.58 -2.89 20.23
N PHE A 180 2.85 -3.30 19.00
CA PHE A 180 4.23 -3.50 18.55
C PHE A 180 5.04 -2.20 18.55
N PHE A 181 4.45 -1.12 18.04
CA PHE A 181 5.15 0.17 18.03
C PHE A 181 5.38 0.71 19.44
N ILE A 182 4.41 0.52 20.32
CA ILE A 182 4.54 1.00 21.70
C ILE A 182 5.65 0.22 22.42
N GLU A 183 5.63 -1.10 22.28
CA GLU A 183 6.65 -1.92 22.92
C GLU A 183 8.06 -1.58 22.44
N ASN A 184 8.16 -1.06 21.22
CA ASN A 184 9.46 -0.68 20.67
C ASN A 184 9.72 0.82 20.72
N ASN A 185 8.93 1.52 21.53
CA ASN A 185 9.06 2.96 21.67
C ASN A 185 9.09 3.70 20.33
N TYR A 186 8.31 3.21 19.37
CA TYR A 186 8.23 3.82 18.04
C TYR A 186 9.56 3.87 17.28
N PHE A 187 10.46 2.97 17.65
CA PHE A 187 11.76 2.88 17.00
C PHE A 187 12.55 4.20 16.91
N GLY A 188 12.36 5.09 17.87
CA GLY A 188 13.09 6.34 17.83
C GLY A 188 12.31 7.56 17.40
N LEU A 189 11.13 7.35 16.84
CA LEU A 189 10.29 8.46 16.41
C LEU A 189 9.51 8.99 17.62
N ASN A 190 8.93 10.18 17.47
CA ASN A 190 8.13 10.75 18.54
C ASN A 190 6.78 10.04 18.48
N SER A 191 6.30 9.58 19.64
CA SER A 191 5.02 8.89 19.68
C SER A 191 3.89 9.65 18.98
N HIS A 192 3.90 10.98 19.08
CA HIS A 192 2.85 11.79 18.45
C HIS A 192 2.88 11.82 16.93
N GLN A 193 4.03 11.49 16.33
CA GLN A 193 4.12 11.56 14.87
C GLN A 193 3.71 10.25 14.18
N VAL A 194 3.37 9.24 14.98
CA VAL A 194 2.93 7.96 14.44
C VAL A 194 1.44 7.85 14.74
N ILE A 195 0.62 8.05 13.73
CA ILE A 195 -0.83 8.06 13.88
C ILE A 195 -1.58 6.91 13.19
N PHE A 196 -2.22 6.07 14.00
CA PHE A 196 -2.98 4.95 13.49
C PHE A 196 -4.44 5.31 13.23
N PHE A 197 -5.03 4.66 12.23
CA PHE A 197 -6.43 4.85 11.90
C PHE A 197 -6.82 3.62 11.07
N ASN A 198 -8.03 3.13 11.31
CA ASN A 198 -8.53 1.93 10.65
C ASN A 198 -9.33 2.16 9.38
N GLN A 199 -9.08 1.31 8.39
CA GLN A 199 -9.83 1.37 7.14
C GLN A 199 -11.12 0.59 7.45
N GLY A 200 -12.15 0.76 6.63
CA GLY A 200 -13.39 0.04 6.89
C GLY A 200 -13.37 -1.37 6.36
N THR A 201 -14.52 -2.03 6.43
CA THR A 201 -14.65 -3.39 5.93
C THR A 201 -15.85 -3.45 5.01
N LEU A 202 -16.02 -4.60 4.39
CA LEU A 202 -17.14 -4.85 3.50
C LEU A 202 -17.58 -6.29 3.77
N PRO A 203 -18.89 -6.56 3.70
CA PRO A 203 -19.39 -7.91 3.95
C PRO A 203 -18.92 -8.88 2.86
N CYS A 204 -18.74 -10.15 3.23
CA CYS A 204 -18.35 -11.16 2.26
C CYS A 204 -19.65 -11.79 1.76
N PHE A 205 -19.68 -12.16 0.48
CA PHE A 205 -20.87 -12.75 -0.11
C PHE A 205 -20.67 -14.20 -0.59
N ASN A 206 -21.79 -14.84 -0.94
CA ASN A 206 -21.75 -16.20 -1.47
C ASN A 206 -21.22 -16.09 -2.89
N LEU A 207 -20.82 -17.21 -3.47
CA LEU A 207 -20.29 -17.21 -4.83
C LEU A 207 -21.22 -16.48 -5.82
N GLN A 208 -22.52 -16.66 -5.67
CA GLN A 208 -23.44 -16.01 -6.59
C GLN A 208 -23.40 -14.49 -6.41
N GLY A 209 -22.98 -14.06 -5.23
CA GLY A 209 -22.86 -12.64 -4.96
C GLY A 209 -24.14 -11.88 -4.61
N ASN A 210 -25.16 -12.58 -4.13
CA ASN A 210 -26.42 -11.92 -3.76
C ASN A 210 -26.81 -12.12 -2.31
N LYS A 211 -26.02 -12.90 -1.57
CA LYS A 211 -26.29 -13.13 -0.16
C LYS A 211 -25.05 -12.92 0.68
N ILE A 212 -25.22 -12.17 1.77
CA ILE A 212 -24.12 -11.93 2.70
C ILE A 212 -23.95 -13.22 3.50
N LEU A 213 -22.69 -13.62 3.70
CA LEU A 213 -22.35 -14.82 4.44
C LEU A 213 -22.35 -14.63 5.95
N LEU A 214 -22.87 -15.63 6.64
CA LEU A 214 -22.86 -15.61 8.09
C LEU A 214 -21.56 -16.29 8.48
N GLU A 215 -20.85 -15.72 9.44
CA GLU A 215 -19.61 -16.32 9.91
C GLU A 215 -20.02 -17.25 11.05
N LEU A 216 -20.83 -16.71 11.96
CA LEU A 216 -21.35 -17.43 13.11
C LEU A 216 -22.87 -17.22 13.09
N LYS A 217 -23.58 -17.82 14.03
CA LYS A 217 -25.03 -17.66 14.07
C LYS A 217 -25.42 -16.20 14.34
N ASN A 218 -24.54 -15.45 14.97
CA ASN A 218 -24.81 -14.03 15.25
C ASN A 218 -23.70 -13.13 14.73
N SER A 219 -23.23 -13.39 13.51
CA SER A 219 -22.18 -12.58 12.93
C SER A 219 -21.94 -12.83 11.44
N ILE A 220 -21.84 -11.76 10.67
CA ILE A 220 -21.59 -11.88 9.24
C ILE A 220 -20.08 -11.84 8.96
N CYS A 221 -19.67 -12.41 7.84
CA CYS A 221 -18.26 -12.39 7.45
C CYS A 221 -17.97 -11.00 6.91
N GLN A 222 -16.83 -10.44 7.30
CA GLN A 222 -16.41 -9.12 6.84
C GLN A 222 -14.90 -9.14 6.61
N SER A 223 -14.42 -8.33 5.67
CA SER A 223 -12.99 -8.25 5.42
C SER A 223 -12.61 -6.83 5.03
N PRO A 224 -11.33 -6.46 5.22
CA PRO A 224 -10.85 -5.12 4.89
C PRO A 224 -11.33 -4.78 3.48
N ASP A 225 -11.85 -3.57 3.29
CA ASP A 225 -12.40 -3.16 1.99
C ASP A 225 -11.43 -2.80 0.86
N GLY A 226 -10.19 -3.32 0.92
CA GLY A 226 -9.20 -3.03 -0.10
C GLY A 226 -8.43 -1.75 0.20
N ASN A 227 -7.21 -1.59 -0.30
CA ASN A 227 -6.48 -0.36 0.01
C ASN A 227 -7.18 0.86 -0.58
N GLY A 228 -8.13 0.62 -1.48
CA GLY A 228 -8.90 1.73 -2.05
C GLY A 228 -9.82 2.31 -0.99
N GLY A 229 -10.01 1.56 0.10
CA GLY A 229 -10.86 2.06 1.18
C GLY A 229 -10.12 3.12 1.98
N LEU A 230 -8.90 3.42 1.58
CA LEU A 230 -8.07 4.40 2.26
C LEU A 230 -8.64 5.83 2.23
N TYR A 231 -9.16 6.25 1.07
CA TYR A 231 -9.70 7.61 0.95
C TYR A 231 -10.84 7.88 1.93
N LYS A 232 -11.79 6.95 2.05
CA LYS A 232 -12.90 7.14 2.97
C LYS A 232 -12.38 7.08 4.42
N ALA A 233 -11.43 6.19 4.69
CA ALA A 233 -10.85 6.09 6.03
C ALA A 233 -10.15 7.40 6.42
N LEU A 234 -9.50 8.06 5.46
CA LEU A 234 -8.79 9.32 5.71
C LEU A 234 -9.78 10.40 6.17
N LYS A 235 -10.89 10.50 5.46
CA LYS A 235 -11.91 11.49 5.79
C LYS A 235 -12.59 11.17 7.13
N ASP A 236 -13.18 9.99 7.22
CA ASP A 236 -13.89 9.58 8.43
C ASP A 236 -13.08 9.58 9.72
N ASN A 237 -11.78 9.33 9.63
CA ASN A 237 -10.96 9.32 10.83
C ASN A 237 -10.31 10.68 11.06
N GLY A 238 -10.70 11.67 10.27
CA GLY A 238 -10.15 13.01 10.42
C GLY A 238 -8.68 13.16 10.07
N ILE A 239 -8.13 12.27 9.25
CA ILE A 239 -6.72 12.36 8.88
C ILE A 239 -6.55 13.53 7.93
N LEU A 240 -7.54 13.72 7.06
CA LEU A 240 -7.51 14.80 6.09
C LEU A 240 -7.50 16.13 6.86
N ASP A 241 -8.31 16.23 7.91
CA ASP A 241 -8.36 17.45 8.72
C ASP A 241 -7.01 17.66 9.39
N ASP A 242 -6.38 16.56 9.80
CA ASP A 242 -5.09 16.67 10.48
C ASP A 242 -4.05 17.21 9.51
N LEU A 243 -4.09 16.75 8.26
CA LEU A 243 -3.12 17.22 7.28
C LEU A 243 -3.26 18.73 7.10
N ASN A 244 -4.50 19.19 6.97
CA ASN A 244 -4.75 20.62 6.80
C ASN A 244 -4.38 21.42 8.05
N SER A 245 -4.69 20.85 9.21
CA SER A 245 -4.40 21.49 10.48
C SER A 245 -2.90 21.70 10.67
N LYS A 246 -2.11 20.74 10.19
CA LYS A 246 -0.66 20.81 10.33
C LYS A 246 0.04 21.54 9.19
N GLY A 247 -0.69 21.87 8.13
CA GLY A 247 -0.09 22.57 7.01
C GLY A 247 0.69 21.65 6.08
N ILE A 248 0.39 20.36 6.13
CA ILE A 248 1.08 19.39 5.29
C ILE A 248 0.57 19.53 3.85
N LYS A 249 1.50 19.62 2.90
CA LYS A 249 1.14 19.78 1.49
C LYS A 249 1.43 18.56 0.61
N HIS A 250 2.31 17.68 1.08
CA HIS A 250 2.66 16.52 0.27
C HIS A 250 2.57 15.23 1.05
N ILE A 251 2.04 14.18 0.42
CA ILE A 251 1.96 12.93 1.12
C ILE A 251 2.43 11.79 0.22
N HIS A 252 3.25 10.93 0.80
CA HIS A 252 3.79 9.77 0.11
C HIS A 252 3.07 8.52 0.64
N MET A 253 2.36 7.83 -0.25
CA MET A 253 1.64 6.61 0.15
C MET A 253 2.41 5.40 -0.36
N TYR A 254 2.57 4.40 0.51
CA TYR A 254 3.29 3.21 0.08
C TYR A 254 2.84 1.91 0.76
N CYS A 255 3.31 0.82 0.18
CA CYS A 255 3.01 -0.55 0.60
C CYS A 255 3.99 -1.07 1.66
N VAL A 256 3.46 -1.70 2.69
CA VAL A 256 4.26 -2.21 3.81
C VAL A 256 5.22 -3.38 3.51
N ASP A 257 4.93 -4.16 2.49
CA ASP A 257 5.74 -5.33 2.18
C ASP A 257 7.07 -5.12 1.47
N ASN A 258 7.34 -3.91 1.01
CA ASN A 258 8.58 -3.62 0.29
C ASN A 258 9.76 -3.26 1.20
N CYS A 259 10.62 -4.23 1.47
CA CYS A 259 11.76 -4.01 2.36
C CYS A 259 12.75 -2.96 1.89
N LEU A 260 12.70 -2.62 0.60
CA LEU A 260 13.61 -1.63 0.04
C LEU A 260 13.03 -0.21 -0.07
N VAL A 261 11.73 -0.08 0.19
CA VAL A 261 11.05 1.21 0.05
C VAL A 261 11.75 2.45 0.60
N LYS A 262 11.84 3.48 -0.23
CA LYS A 262 12.45 4.73 0.18
C LYS A 262 11.32 5.59 0.70
N VAL A 263 11.01 5.44 1.99
CA VAL A 263 9.93 6.19 2.61
C VAL A 263 10.23 7.69 2.55
N ALA A 264 9.25 8.47 2.09
CA ALA A 264 9.39 9.93 1.96
C ALA A 264 10.58 10.31 1.07
N ASP A 265 10.80 9.54 0.00
CA ASP A 265 11.90 9.78 -0.95
C ASP A 265 11.88 11.23 -1.46
N PRO A 266 12.91 12.02 -1.12
CA PRO A 266 12.99 13.42 -1.56
C PRO A 266 13.01 13.58 -3.08
N ILE A 267 13.55 12.57 -3.76
CA ILE A 267 13.60 12.61 -5.22
C ILE A 267 12.20 12.54 -5.80
N PHE A 268 11.38 11.67 -5.22
CA PHE A 268 9.99 11.47 -5.66
C PHE A 268 9.15 12.72 -5.36
N ILE A 269 9.30 13.26 -4.16
CA ILE A 269 8.57 14.46 -3.75
C ILE A 269 9.04 15.65 -4.60
N GLY A 270 10.34 15.73 -4.85
CA GLY A 270 10.91 16.81 -5.65
C GLY A 270 10.41 16.76 -7.08
N PHE A 271 10.29 15.54 -7.60
CA PHE A 271 9.80 15.31 -8.95
C PHE A 271 8.41 15.92 -9.09
N ALA A 272 7.53 15.61 -8.15
CA ALA A 272 6.15 16.13 -8.13
C ALA A 272 6.10 17.65 -8.00
N ILE A 273 6.92 18.19 -7.11
CA ILE A 273 6.96 19.64 -6.91
C ILE A 273 7.51 20.35 -8.14
N ALA A 274 8.63 19.86 -8.66
CA ALA A 274 9.25 20.44 -9.84
C ALA A 274 8.29 20.49 -11.01
N LYS A 275 7.51 19.43 -11.17
CA LYS A 275 6.55 19.35 -12.27
C LYS A 275 5.15 19.84 -11.92
N LYS A 276 4.93 20.14 -10.64
CA LYS A 276 3.63 20.61 -10.16
C LYS A 276 2.53 19.57 -10.40
N PHE A 277 2.83 18.31 -10.11
CA PHE A 277 1.84 17.24 -10.28
C PHE A 277 0.83 17.16 -9.14
N ASP A 278 -0.40 16.73 -9.45
CA ASP A 278 -1.44 16.53 -8.43
C ASP A 278 -1.26 15.12 -7.89
N LEU A 279 -0.74 14.25 -8.75
CA LEU A 279 -0.55 12.83 -8.43
C LEU A 279 0.63 12.30 -9.21
N ALA A 280 1.39 11.41 -8.60
CA ALA A 280 2.52 10.78 -9.26
C ALA A 280 2.64 9.37 -8.72
N THR A 281 3.28 8.50 -9.47
CA THR A 281 3.41 7.13 -9.05
C THR A 281 4.76 6.58 -9.52
N LYS A 282 5.30 5.60 -8.78
CA LYS A 282 6.58 4.99 -9.15
C LYS A 282 6.39 3.63 -9.81
N VAL A 283 7.27 3.31 -10.77
CA VAL A 283 7.22 2.03 -11.46
C VAL A 283 8.63 1.51 -11.69
N VAL A 284 8.73 0.21 -11.96
CA VAL A 284 9.99 -0.44 -12.27
C VAL A 284 9.68 -1.27 -13.50
N ARG A 285 10.72 -1.72 -14.21
CA ARG A 285 10.51 -2.53 -15.40
C ARG A 285 9.91 -3.88 -15.00
N LYS A 286 8.87 -4.31 -15.71
CA LYS A 286 8.24 -5.59 -15.40
C LYS A 286 9.24 -6.75 -15.51
N ARG A 287 9.22 -7.64 -14.52
CA ARG A 287 10.14 -8.77 -14.49
C ARG A 287 9.91 -9.68 -15.69
N ASP A 288 8.69 -10.19 -15.81
CA ASP A 288 8.31 -11.05 -16.93
C ASP A 288 6.80 -10.91 -17.10
N ALA A 289 6.29 -11.40 -18.22
CA ALA A 289 4.87 -11.29 -18.52
C ALA A 289 3.95 -11.77 -17.38
N ASN A 290 4.43 -12.72 -16.57
CA ASN A 290 3.61 -13.26 -15.51
C ASN A 290 3.77 -12.66 -14.13
N GLU A 291 4.62 -11.65 -13.99
CA GLU A 291 4.80 -11.05 -12.67
C GLU A 291 3.47 -10.47 -12.19
N SER A 292 3.12 -10.74 -10.94
CA SER A 292 1.87 -10.26 -10.37
C SER A 292 1.94 -8.79 -9.99
N VAL A 293 1.96 -7.94 -11.01
CA VAL A 293 2.03 -6.49 -10.81
C VAL A 293 1.08 -5.77 -11.75
N GLY A 294 0.47 -4.69 -11.25
CA GLY A 294 -0.40 -3.91 -12.08
C GLY A 294 0.51 -3.14 -13.02
N LEU A 295 -0.05 -2.63 -14.10
CA LEU A 295 0.75 -1.88 -15.07
C LEU A 295 0.16 -0.50 -15.27
N ILE A 296 1.02 0.52 -15.22
CA ILE A 296 0.60 1.91 -15.42
C ILE A 296 0.52 2.16 -16.91
N VAL A 297 -0.64 2.59 -17.38
CA VAL A 297 -0.81 2.82 -18.80
C VAL A 297 -1.71 4.00 -19.10
N LEU A 298 -1.91 4.26 -20.39
CA LEU A 298 -2.79 5.32 -20.83
C LEU A 298 -4.03 4.63 -21.40
N ASP A 299 -5.20 5.04 -20.94
CA ASP A 299 -6.43 4.49 -21.47
C ASP A 299 -6.65 5.34 -22.73
N GLN A 300 -6.54 4.73 -23.90
CA GLN A 300 -6.70 5.47 -25.14
C GLN A 300 -8.13 5.95 -25.39
N ASP A 301 -9.11 5.27 -24.80
CA ASP A 301 -10.50 5.65 -25.01
C ASP A 301 -10.84 7.00 -24.38
N ASN A 302 -10.26 7.27 -23.21
CA ASN A 302 -10.54 8.53 -22.54
C ASN A 302 -9.29 9.40 -22.38
N GLN A 303 -8.16 8.90 -22.86
CA GLN A 303 -6.90 9.64 -22.76
C GLN A 303 -6.56 9.99 -21.30
N LYS A 304 -6.74 9.01 -20.42
CA LYS A 304 -6.45 9.19 -19.00
C LYS A 304 -5.49 8.14 -18.49
N PRO A 305 -4.66 8.51 -17.51
CA PRO A 305 -3.72 7.56 -16.93
C PRO A 305 -4.50 6.56 -16.09
N CYS A 306 -4.02 5.32 -16.03
CA CYS A 306 -4.71 4.33 -15.22
C CYS A 306 -3.84 3.11 -15.01
N VAL A 307 -4.29 2.21 -14.15
CA VAL A 307 -3.56 0.98 -13.86
C VAL A 307 -4.39 -0.25 -14.17
N ILE A 308 -3.82 -1.21 -14.87
CA ILE A 308 -4.53 -2.45 -15.15
C ILE A 308 -3.94 -3.48 -14.20
N GLU A 309 -4.74 -3.93 -13.23
CA GLU A 309 -4.29 -4.90 -12.24
C GLU A 309 -3.89 -6.22 -12.88
N TYR A 310 -2.84 -6.84 -12.34
CA TYR A 310 -2.33 -8.10 -12.86
C TYR A 310 -3.38 -9.20 -12.98
N SER A 311 -4.39 -9.15 -12.11
CA SER A 311 -5.45 -10.16 -12.11
C SER A 311 -6.61 -9.86 -13.06
N GLU A 312 -6.61 -8.71 -13.71
CA GLU A 312 -7.69 -8.36 -14.62
C GLU A 312 -7.20 -8.04 -16.02
N ILE A 313 -6.03 -8.59 -16.36
CA ILE A 313 -5.44 -8.38 -17.68
C ILE A 313 -5.41 -9.72 -18.39
N SER A 314 -5.61 -9.72 -19.69
CA SER A 314 -5.60 -10.98 -20.45
C SER A 314 -4.16 -11.42 -20.72
N GLN A 315 -3.97 -12.72 -20.89
CA GLN A 315 -2.64 -13.25 -21.16
C GLN A 315 -2.10 -12.62 -22.45
N GLU A 316 -2.99 -12.41 -23.42
CA GLU A 316 -2.59 -11.83 -24.68
C GLU A 316 -2.00 -10.44 -24.48
N LEU A 317 -2.67 -9.61 -23.70
CA LEU A 317 -2.17 -8.25 -23.47
C LEU A 317 -0.90 -8.27 -22.62
N ALA A 318 -0.87 -9.15 -21.63
CA ALA A 318 0.30 -9.25 -20.76
C ALA A 318 1.53 -9.69 -21.54
N ASN A 319 1.34 -10.62 -22.47
CA ASN A 319 2.44 -11.15 -23.26
C ASN A 319 2.82 -10.37 -24.52
N LYS A 320 2.00 -9.40 -24.90
CA LYS A 320 2.31 -8.63 -26.08
C LYS A 320 3.66 -7.93 -25.94
N LYS A 321 4.46 -7.99 -27.00
CA LYS A 321 5.78 -7.38 -27.02
C LYS A 321 5.65 -5.95 -27.56
N ASP A 322 6.58 -5.09 -27.20
CA ASP A 322 6.57 -3.72 -27.66
C ASP A 322 6.79 -3.69 -29.17
N PRO A 323 5.86 -3.09 -29.93
CA PRO A 323 6.00 -3.03 -31.38
C PRO A 323 7.20 -2.19 -31.85
N GLN A 324 7.71 -1.34 -30.97
CA GLN A 324 8.87 -0.52 -31.30
C GLN A 324 10.16 -1.11 -30.75
N ASP A 325 10.02 -2.21 -30.01
CA ASP A 325 11.16 -2.91 -29.43
C ASP A 325 10.68 -4.30 -28.99
N SER A 326 10.89 -5.28 -29.88
CA SER A 326 10.47 -6.66 -29.67
C SER A 326 11.04 -7.38 -28.45
N SER A 327 12.16 -6.89 -27.92
CA SER A 327 12.79 -7.51 -26.76
C SER A 327 12.06 -7.16 -25.46
N LYS A 328 11.23 -6.12 -25.51
CA LYS A 328 10.48 -5.67 -24.34
C LYS A 328 8.98 -5.93 -24.41
N LEU A 329 8.36 -6.05 -23.24
CA LEU A 329 6.92 -6.23 -23.17
C LEU A 329 6.31 -4.85 -23.48
N PHE A 330 5.21 -4.83 -24.24
CA PHE A 330 4.58 -3.55 -24.59
C PHE A 330 4.25 -2.78 -23.30
N LEU A 331 3.46 -3.38 -22.43
CA LEU A 331 3.11 -2.74 -21.17
C LEU A 331 4.06 -3.31 -20.12
N ARG A 332 5.02 -2.49 -19.71
CA ARG A 332 6.02 -2.93 -18.74
C ARG A 332 6.26 -2.01 -17.53
N ALA A 333 5.43 -0.97 -17.38
CA ALA A 333 5.59 -0.05 -16.26
C ALA A 333 4.90 -0.65 -15.02
N ALA A 334 5.62 -1.51 -14.31
CA ALA A 334 5.08 -2.18 -13.13
C ALA A 334 4.81 -1.26 -11.95
N ASN A 335 3.59 -1.34 -11.42
CA ASN A 335 3.16 -0.53 -10.28
C ASN A 335 3.79 -1.09 -9.00
N ILE A 336 4.53 -0.25 -8.28
CA ILE A 336 5.15 -0.71 -7.04
C ILE A 336 4.49 -0.07 -5.82
N VAL A 337 3.24 0.37 -5.98
CA VAL A 337 2.47 0.97 -4.90
C VAL A 337 3.23 2.07 -4.13
N ASN A 338 3.73 3.05 -4.87
CA ASN A 338 4.43 4.17 -4.30
C ASN A 338 3.81 5.36 -4.99
N HIS A 339 2.92 6.03 -4.26
CA HIS A 339 2.16 7.14 -4.80
C HIS A 339 2.40 8.47 -4.10
N TYR A 340 2.37 9.54 -4.88
CA TYR A 340 2.52 10.89 -4.37
C TYR A 340 1.17 11.57 -4.62
N TYR A 341 0.67 12.29 -3.62
CA TYR A 341 -0.59 13.02 -3.77
C TYR A 341 -0.40 14.38 -3.16
N SER A 342 -0.93 15.40 -3.81
CA SER A 342 -0.90 16.75 -3.30
C SER A 342 -2.05 16.76 -2.29
N VAL A 343 -1.87 17.37 -1.13
CA VAL A 343 -2.97 17.38 -0.16
C VAL A 343 -4.16 18.17 -0.73
N GLU A 344 -3.86 19.26 -1.41
CA GLU A 344 -4.87 20.09 -2.03
C GLU A 344 -5.73 19.25 -3.00
N PHE A 345 -5.08 18.35 -3.74
CA PHE A 345 -5.78 17.48 -4.69
C PHE A 345 -6.70 16.57 -3.90
N LEU A 346 -6.19 16.03 -2.78
CA LEU A 346 -7.00 15.17 -1.93
C LEU A 346 -8.19 15.95 -1.32
N ASN A 347 -7.97 17.19 -0.88
CA ASN A 347 -9.07 17.98 -0.32
C ASN A 347 -10.18 18.14 -1.37
N LYS A 348 -9.77 18.38 -2.60
CA LYS A 348 -10.71 18.57 -3.70
C LYS A 348 -11.38 17.31 -4.25
N MET A 349 -10.66 16.19 -4.26
CA MET A 349 -11.21 14.97 -4.84
C MET A 349 -11.81 13.88 -3.96
N ILE A 350 -11.33 13.74 -2.73
CA ILE A 350 -11.86 12.66 -1.88
C ILE A 350 -13.38 12.64 -1.77
N PRO A 351 -14.02 13.81 -1.60
CA PRO A 351 -15.49 13.82 -1.48
C PRO A 351 -16.14 13.16 -2.71
N LYS A 352 -15.56 13.41 -3.88
CA LYS A 352 -16.07 12.85 -5.12
C LYS A 352 -15.84 11.34 -5.17
N TRP A 353 -14.60 10.91 -4.95
CA TRP A 353 -14.24 9.50 -5.00
C TRP A 353 -15.02 8.57 -4.09
N ILE A 354 -15.29 9.01 -2.87
CA ILE A 354 -16.02 8.15 -1.95
C ILE A 354 -17.52 8.24 -2.16
N SER A 355 -17.97 9.12 -3.06
CA SER A 355 -19.40 9.28 -3.32
C SER A 355 -19.97 8.36 -4.41
N SER A 356 -19.15 7.52 -5.02
CA SER A 356 -19.65 6.61 -6.06
C SER A 356 -18.64 5.58 -6.55
N GLN A 357 -19.17 4.48 -7.09
CA GLN A 357 -18.36 3.38 -7.62
C GLN A 357 -17.65 3.80 -8.90
N LYS A 358 -18.06 4.93 -9.46
CA LYS A 358 -17.45 5.39 -10.70
C LYS A 358 -15.94 5.51 -10.53
N TYR A 359 -15.48 5.82 -9.32
CA TYR A 359 -14.05 5.96 -9.10
C TYR A 359 -13.45 4.82 -8.30
N LEU A 360 -14.27 4.16 -7.49
CA LEU A 360 -13.80 3.07 -6.67
C LEU A 360 -14.70 1.84 -6.81
N PRO A 361 -14.74 1.25 -8.01
CA PRO A 361 -15.60 0.08 -8.21
C PRO A 361 -15.17 -1.13 -7.37
N PHE A 362 -16.12 -1.99 -7.04
CA PHE A 362 -15.83 -3.19 -6.27
C PHE A 362 -15.19 -4.25 -7.14
N HIS A 363 -14.04 -4.75 -6.73
CA HIS A 363 -13.36 -5.81 -7.46
C HIS A 363 -13.73 -7.10 -6.74
N ILE A 364 -14.01 -8.14 -7.52
CA ILE A 364 -14.44 -9.40 -6.95
C ILE A 364 -13.34 -10.44 -6.84
N ALA A 365 -13.22 -11.04 -5.66
CA ALA A 365 -12.21 -12.07 -5.44
C ALA A 365 -12.86 -13.31 -4.84
N LYS A 366 -12.68 -14.45 -5.51
CA LYS A 366 -13.22 -15.71 -5.02
C LYS A 366 -12.26 -16.19 -3.93
N LYS A 367 -12.81 -16.54 -2.77
CA LYS A 367 -11.97 -16.98 -1.67
C LYS A 367 -12.56 -18.17 -0.93
N LYS A 368 -11.70 -18.87 -0.18
CA LYS A 368 -12.15 -19.96 0.66
C LYS A 368 -12.37 -19.29 1.98
N ILE A 369 -13.63 -19.11 2.34
CA ILE A 369 -14.00 -18.41 3.56
C ILE A 369 -14.63 -19.30 4.63
N PRO A 370 -13.88 -19.59 5.70
CA PRO A 370 -14.44 -20.43 6.76
C PRO A 370 -15.65 -19.71 7.36
N SER A 371 -16.81 -20.35 7.31
CA SER A 371 -18.03 -19.74 7.81
C SER A 371 -19.07 -20.78 8.17
N LEU A 372 -20.31 -20.34 8.33
CA LEU A 372 -21.41 -21.22 8.70
C LEU A 372 -21.98 -21.98 7.50
N ASN A 373 -22.20 -23.28 7.67
CA ASN A 373 -22.74 -24.11 6.59
C ASN A 373 -24.26 -23.99 6.48
N GLY A 377 -25.94 -26.65 10.29
CA GLY A 377 -25.44 -25.29 10.30
C GLY A 377 -24.31 -25.08 11.29
N GLU A 378 -23.09 -25.36 10.86
CA GLU A 378 -21.92 -25.21 11.73
C GLU A 378 -20.76 -24.54 11.02
N PHE A 379 -19.86 -23.94 11.80
CA PHE A 379 -18.69 -23.27 11.25
C PHE A 379 -17.82 -24.32 10.57
N TYR A 380 -17.12 -23.93 9.52
CA TYR A 380 -16.25 -24.86 8.81
C TYR A 380 -15.28 -24.15 7.86
N LYS A 381 -14.25 -24.87 7.43
CA LYS A 381 -13.25 -24.35 6.50
C LYS A 381 -13.35 -25.17 5.22
N PRO A 382 -13.72 -24.53 4.10
CA PRO A 382 -13.85 -25.20 2.81
C PRO A 382 -12.53 -25.55 2.11
N THR A 383 -12.62 -26.36 1.07
CA THR A 383 -11.47 -26.79 0.28
C THR A 383 -11.52 -26.11 -1.08
N GLU A 384 -12.69 -25.57 -1.42
CA GLU A 384 -12.90 -24.86 -2.68
C GLU A 384 -13.49 -23.50 -2.33
N PRO A 385 -13.25 -22.48 -3.18
CA PRO A 385 -13.79 -21.15 -2.92
C PRO A 385 -15.29 -21.25 -2.67
N ASN A 386 -15.75 -20.70 -1.54
CA ASN A 386 -17.17 -20.76 -1.20
C ASN A 386 -17.79 -19.36 -1.07
N GLY A 387 -17.01 -18.33 -1.37
CA GLY A 387 -17.53 -16.99 -1.28
C GLY A 387 -16.65 -15.95 -1.95
N ILE A 388 -17.10 -14.70 -1.91
CA ILE A 388 -16.35 -13.62 -2.52
C ILE A 388 -16.08 -12.47 -1.55
N LYS A 389 -14.90 -11.87 -1.71
CA LYS A 389 -14.50 -10.73 -0.90
C LYS A 389 -14.49 -9.54 -1.86
N LEU A 390 -14.90 -8.37 -1.36
CA LEU A 390 -14.93 -7.18 -2.19
C LEU A 390 -13.74 -6.28 -1.87
N GLU A 391 -13.18 -5.66 -2.90
CA GLU A 391 -12.03 -4.77 -2.72
C GLU A 391 -12.06 -3.56 -3.63
N GLN A 392 -11.67 -2.42 -3.08
CA GLN A 392 -11.58 -1.19 -3.86
C GLN A 392 -10.07 -1.02 -4.05
N PHE A 393 -9.64 -0.62 -5.23
CA PHE A 393 -8.21 -0.43 -5.49
C PHE A 393 -7.82 1.04 -5.41
N ILE A 394 -6.77 1.30 -4.65
CA ILE A 394 -6.25 2.64 -4.42
C ILE A 394 -6.04 3.44 -5.71
N PHE A 395 -5.61 2.77 -6.78
CA PHE A 395 -5.34 3.43 -8.06
C PHE A 395 -6.52 3.66 -9.00
N ASP A 396 -7.69 3.15 -8.66
CA ASP A 396 -8.85 3.33 -9.53
C ASP A 396 -9.25 4.80 -9.68
N VAL A 397 -8.73 5.68 -8.83
CA VAL A 397 -9.06 7.10 -8.93
C VAL A 397 -8.12 7.85 -9.88
N PHE A 398 -7.07 7.17 -10.36
CA PHE A 398 -6.11 7.81 -11.26
C PHE A 398 -6.73 8.49 -12.48
N PRO A 399 -7.69 7.82 -13.16
CA PRO A 399 -8.32 8.42 -14.33
C PRO A 399 -8.98 9.79 -14.08
N SER A 400 -9.26 10.11 -12.82
CA SER A 400 -9.91 11.37 -12.50
C SER A 400 -8.94 12.54 -12.50
N VAL A 401 -7.64 12.27 -12.56
CA VAL A 401 -6.65 13.34 -12.58
C VAL A 401 -6.49 13.85 -14.03
N GLU A 402 -6.05 15.10 -14.19
CA GLU A 402 -5.83 15.62 -15.54
C GLU A 402 -4.50 15.01 -15.98
N LEU A 403 -4.47 14.45 -17.19
CA LEU A 403 -3.26 13.83 -17.70
C LEU A 403 -1.96 14.63 -17.49
N ASN A 404 -2.01 15.94 -17.71
CA ASN A 404 -0.81 16.77 -17.56
C ASN A 404 -0.39 16.98 -16.12
N LYS A 405 -1.25 16.55 -15.19
CA LYS A 405 -0.98 16.69 -13.76
C LYS A 405 -0.61 15.35 -13.12
N PHE A 406 -0.41 14.34 -13.97
CA PHE A 406 -0.05 13.00 -13.51
C PHE A 406 1.40 12.68 -13.86
N GLY A 407 2.14 12.18 -12.87
CA GLY A 407 3.52 11.85 -13.11
C GLY A 407 3.81 10.38 -12.89
N CYS A 408 4.78 9.85 -13.62
CA CYS A 408 5.17 8.44 -13.48
C CYS A 408 6.69 8.37 -13.50
N LEU A 409 7.28 8.10 -12.34
CA LEU A 409 8.73 8.01 -12.20
C LEU A 409 9.21 6.57 -12.20
N GLU A 410 10.07 6.24 -13.16
CA GLU A 410 10.61 4.89 -13.19
C GLU A 410 11.83 4.86 -12.30
N VAL A 411 11.93 3.84 -11.45
CA VAL A 411 13.09 3.72 -10.56
C VAL A 411 13.79 2.38 -10.76
N ASP A 412 14.95 2.25 -10.11
CA ASP A 412 15.75 1.03 -10.19
C ASP A 412 15.14 -0.02 -9.25
N ARG A 413 14.68 -1.13 -9.80
CA ARG A 413 14.07 -2.17 -8.98
C ARG A 413 15.00 -2.72 -7.89
N LEU A 414 16.23 -3.06 -8.24
CA LEU A 414 17.17 -3.59 -7.25
C LEU A 414 17.44 -2.58 -6.13
N ASP A 415 17.19 -1.31 -6.41
CA ASP A 415 17.42 -0.29 -5.41
C ASP A 415 16.15 0.10 -4.65
N GLU A 416 14.99 -0.18 -5.25
CA GLU A 416 13.75 0.28 -4.66
C GLU A 416 12.57 -0.66 -4.48
N PHE A 417 12.65 -1.88 -5.01
CA PHE A 417 11.50 -2.76 -4.93
C PHE A 417 11.76 -4.25 -4.78
N SER A 418 11.48 -4.77 -3.60
CA SER A 418 11.61 -6.20 -3.32
C SER A 418 10.47 -6.51 -2.36
N PRO A 419 9.31 -6.92 -2.90
CA PRO A 419 8.14 -7.25 -2.09
C PRO A 419 8.17 -8.61 -1.42
N LEU A 420 7.62 -8.65 -0.20
CA LEU A 420 7.51 -9.90 0.55
C LEU A 420 6.07 -10.34 0.39
N LYS A 421 5.84 -11.36 -0.43
CA LYS A 421 4.47 -11.83 -0.67
C LYS A 421 4.27 -13.30 -0.34
N ASN A 422 5.32 -14.08 -0.50
CA ASN A 422 5.23 -15.51 -0.27
C ASN A 422 6.10 -16.03 0.85
N ALA A 423 5.67 -17.15 1.42
CA ALA A 423 6.43 -17.78 2.48
C ALA A 423 7.62 -18.43 1.80
N ASP A 424 8.68 -18.71 2.55
CA ASP A 424 9.85 -19.34 1.95
C ASP A 424 9.41 -20.63 1.28
N GLY A 425 10.03 -20.93 0.14
CA GLY A 425 9.69 -22.14 -0.59
C GLY A 425 9.27 -21.76 -2.00
N ALA A 426 8.69 -20.58 -2.13
CA ALA A 426 8.25 -20.09 -3.43
C ALA A 426 9.43 -19.62 -4.27
N LYS A 427 9.19 -19.45 -5.56
CA LYS A 427 10.25 -19.02 -6.47
C LYS A 427 10.62 -17.55 -6.32
N ASN A 428 9.63 -16.71 -6.04
CA ASN A 428 9.88 -15.29 -5.91
C ASN A 428 9.19 -14.59 -4.74
N ASP A 429 9.67 -13.38 -4.45
CA ASP A 429 9.12 -12.51 -3.43
C ASP A 429 8.92 -13.21 -2.10
N THR A 430 9.99 -13.81 -1.59
CA THR A 430 9.92 -14.52 -0.34
C THR A 430 10.80 -13.81 0.68
N PRO A 431 10.83 -14.32 1.92
CA PRO A 431 11.68 -13.67 2.91
C PRO A 431 13.14 -13.73 2.42
N THR A 432 13.48 -14.82 1.74
CA THR A 432 14.84 -15.02 1.23
C THR A 432 15.20 -14.05 0.12
N THR A 433 14.31 -13.88 -0.86
CA THR A 433 14.62 -12.95 -1.96
C THR A 433 14.72 -11.53 -1.42
N CYS A 434 13.85 -11.19 -0.48
CA CYS A 434 13.88 -9.86 0.12
C CYS A 434 15.21 -9.68 0.82
N ARG A 435 15.55 -10.63 1.70
CA ARG A 435 16.80 -10.55 2.44
C ARG A 435 17.98 -10.42 1.49
N ASN A 436 18.05 -11.28 0.48
CA ASN A 436 19.15 -11.25 -0.49
C ASN A 436 19.26 -9.88 -1.17
N HIS A 437 18.13 -9.37 -1.65
CA HIS A 437 18.09 -8.07 -2.33
C HIS A 437 18.54 -6.94 -1.42
N TYR A 438 18.09 -7.00 -0.17
CA TYR A 438 18.45 -5.98 0.80
C TYR A 438 19.95 -6.00 1.04
N LEU A 439 20.52 -7.20 1.19
CA LEU A 439 21.96 -7.33 1.43
C LEU A 439 22.78 -6.96 0.19
N GLU A 440 22.30 -7.32 -0.99
CA GLU A 440 23.02 -6.99 -2.22
C GLU A 440 23.08 -5.48 -2.41
N ARG A 441 21.96 -4.79 -2.16
CA ARG A 441 21.92 -3.34 -2.29
C ARG A 441 22.90 -2.70 -1.31
N SER A 442 22.84 -3.12 -0.05
CA SER A 442 23.73 -2.59 0.98
C SER A 442 25.19 -2.81 0.58
N SER A 443 25.48 -4.03 0.13
CA SER A 443 26.84 -4.40 -0.25
C SER A 443 27.33 -3.60 -1.44
N LYS A 444 26.45 -3.36 -2.41
CA LYS A 444 26.82 -2.57 -3.57
C LYS A 444 27.18 -1.16 -3.11
N TRP A 445 26.38 -0.59 -2.20
CA TRP A 445 26.66 0.76 -1.70
C TRP A 445 28.06 0.85 -1.08
N VAL A 446 28.38 -0.13 -0.26
CA VAL A 446 29.67 -0.19 0.41
C VAL A 446 30.83 -0.30 -0.59
N ILE A 447 30.69 -1.18 -1.56
CA ILE A 447 31.72 -1.36 -2.58
C ILE A 447 31.92 -0.05 -3.35
N GLN A 448 30.83 0.57 -3.79
CA GLN A 448 30.90 1.83 -4.54
C GLN A 448 31.59 2.95 -3.76
N ASN A 449 31.57 2.86 -2.44
CA ASN A 449 32.20 3.88 -1.62
C ASN A 449 33.60 3.43 -1.20
N GLY A 450 34.11 2.41 -1.90
CA GLY A 450 35.45 1.93 -1.63
C GLY A 450 35.60 0.94 -0.50
N GLY A 451 34.49 0.39 -0.04
CA GLY A 451 34.58 -0.58 1.05
C GLY A 451 35.04 -1.93 0.55
N VAL A 452 35.74 -2.68 1.39
CA VAL A 452 36.22 -3.98 1.00
C VAL A 452 35.54 -5.07 1.83
N ILE A 453 34.80 -5.94 1.17
CA ILE A 453 34.11 -7.03 1.87
C ILE A 453 34.89 -8.31 1.59
N ASP A 454 35.49 -8.87 2.64
CA ASP A 454 36.30 -10.09 2.52
C ASP A 454 35.53 -11.33 2.10
N ASN A 455 36.23 -12.25 1.46
CA ASN A 455 35.66 -13.53 1.04
C ASN A 455 34.34 -13.41 0.28
N GLN A 456 34.18 -12.34 -0.48
CA GLN A 456 32.99 -12.11 -1.28
C GLN A 456 31.71 -12.18 -0.45
N GLY A 457 31.79 -11.65 0.77
CA GLY A 457 30.63 -11.68 1.64
C GLY A 457 29.55 -10.66 1.31
N LEU A 458 28.50 -10.67 2.11
CA LEU A 458 27.40 -9.75 1.95
C LEU A 458 27.24 -9.05 3.30
N VAL A 459 27.11 -7.72 3.28
CA VAL A 459 26.94 -6.98 4.52
C VAL A 459 25.59 -6.27 4.53
N GLU A 460 25.22 -5.72 5.67
CA GLU A 460 23.97 -4.99 5.78
C GLU A 460 24.26 -3.56 6.17
N VAL A 461 23.66 -2.62 5.47
CA VAL A 461 23.85 -1.23 5.82
C VAL A 461 22.69 -0.85 6.73
N ASP A 462 23.04 -0.44 7.93
CA ASP A 462 22.06 -0.05 8.90
C ASP A 462 21.26 1.16 8.43
N SER A 463 19.94 1.05 8.50
CA SER A 463 19.06 2.14 8.13
C SER A 463 19.37 3.32 9.06
N LYS A 464 20.00 3.03 10.20
CA LYS A 464 20.39 4.07 11.15
C LYS A 464 21.64 4.78 10.66
N THR A 465 22.30 4.19 9.66
CA THR A 465 23.55 4.70 9.09
C THR A 465 23.42 5.40 7.73
N SER A 466 22.64 4.81 6.83
CA SER A 466 22.45 5.41 5.50
C SER A 466 21.02 5.21 4.99
N TYR A 467 20.47 6.26 4.41
CA TYR A 467 19.12 6.19 3.86
C TYR A 467 19.17 5.47 2.53
N GLY A 468 20.03 5.95 1.62
CA GLY A 468 20.12 5.34 0.30
C GLY A 468 21.53 5.26 -0.27
N GLY A 469 22.52 5.10 0.60
CA GLY A 469 23.89 5.01 0.13
C GLY A 469 24.73 6.25 0.38
N GLU A 470 24.10 7.33 0.84
CA GLU A 470 24.81 8.56 1.14
C GLU A 470 25.52 8.40 2.48
N GLY A 471 26.47 9.28 2.76
CA GLY A 471 27.18 9.26 4.04
C GLY A 471 27.96 7.99 4.38
N LEU A 472 28.44 7.30 3.35
CA LEU A 472 29.21 6.07 3.57
C LEU A 472 30.68 6.26 3.17
N GLU A 473 31.12 7.51 3.07
CA GLU A 473 32.50 7.76 2.69
C GLU A 473 33.51 7.16 3.68
N PHE A 474 33.10 6.95 4.93
CA PHE A 474 34.01 6.37 5.91
C PHE A 474 34.37 4.88 5.66
N VAL A 475 33.67 4.19 4.77
CA VAL A 475 34.00 2.79 4.54
C VAL A 475 35.14 2.60 3.54
N ASN A 476 35.51 3.67 2.85
CA ASN A 476 36.57 3.63 1.85
C ASN A 476 37.88 3.04 2.41
N GLY A 477 38.35 1.96 1.79
CA GLY A 477 39.57 1.32 2.24
C GLY A 477 39.39 0.49 3.50
N LYS A 478 38.18 0.48 4.05
CA LYS A 478 37.90 -0.27 5.28
C LYS A 478 37.41 -1.68 4.93
N HIS A 479 37.80 -2.66 5.75
CA HIS A 479 37.42 -4.05 5.52
C HIS A 479 36.19 -4.49 6.32
N PHE A 480 35.38 -5.35 5.73
CA PHE A 480 34.19 -5.86 6.40
C PHE A 480 34.07 -7.35 6.09
N LYS A 481 33.35 -8.07 6.95
CA LYS A 481 33.17 -9.49 6.72
C LYS A 481 31.70 -9.79 6.50
N ASN A 482 31.44 -10.94 5.89
CA ASN A 482 30.09 -11.39 5.62
C ASN A 482 29.24 -11.29 6.91
N GLY A 483 28.07 -10.70 6.81
CA GLY A 483 27.19 -10.58 7.97
C GLY A 483 27.35 -9.33 8.82
N ASP A 484 28.36 -8.51 8.53
CA ASP A 484 28.57 -7.28 9.29
C ASP A 484 27.42 -6.30 9.08
N ILE A 485 27.16 -5.49 10.10
CA ILE A 485 26.13 -4.47 10.06
C ILE A 485 26.87 -3.14 10.15
N ILE A 486 26.69 -2.31 9.13
CA ILE A 486 27.37 -1.03 9.00
C ILE A 486 26.41 0.16 9.16
S SO4 B . -1.99 -11.22 0.05
O1 SO4 B . -3.08 -11.21 1.05
O2 SO4 B . -1.40 -12.58 -0.02
O3 SO4 B . -2.50 -10.84 -1.27
O4 SO4 B . -0.93 -10.26 0.45
MG MG C . 9.72 11.18 -20.27
C1' UD1 D . -0.33 -4.62 -5.18
C2' UD1 D . -0.91 -3.63 -6.21
C3' UD1 D . -0.39 -4.03 -7.63
C4' UD1 D . 1.16 -3.95 -7.63
C5' UD1 D . 1.68 -4.94 -6.56
C6' UD1 D . 3.20 -4.84 -6.38
C7' UD1 D . -3.06 -2.81 -5.39
C8' UD1 D . -4.56 -2.86 -5.37
N2' UD1 D . -2.39 -3.70 -6.18
O1' UD1 D . -0.80 -5.91 -5.48
O3' UD1 D . -0.90 -3.13 -8.62
O4' UD1 D . 1.74 -4.28 -8.91
O5' UD1 D . 1.12 -4.59 -5.26
O6' UD1 D . 3.57 -5.78 -5.38
O7' UD1 D . -2.48 -1.98 -4.71
N1 UD1 D . -3.85 -3.17 1.89
C2 UD1 D . -4.56 -2.46 2.91
N3 UD1 D . -5.89 -2.80 3.00
C4 UD1 D . -6.57 -3.76 2.21
C5 UD1 D . -5.76 -4.42 1.20
C6 UD1 D . -4.48 -4.12 1.08
O2 UD1 D . -4.03 -1.61 3.65
O4 UD1 D . -7.76 -3.94 2.42
C1B UD1 D . -2.40 -2.85 1.75
C2B UD1 D . -1.44 -3.99 2.00
O2' UD1 D . -1.12 -4.04 3.39
C3B UD1 D . -0.22 -3.56 1.15
C4B UD1 D . -0.85 -2.83 -0.06
O4B UD1 D . -2.16 -2.40 0.43
O3B UD1 D . 0.62 -2.70 1.93
C5B UD1 D . -1.12 -3.67 -1.30
O5B UD1 D . -1.63 -4.92 -0.91
PA UD1 D . -2.33 -5.87 -1.93
O1A UD1 D . -2.97 -7.05 -1.27
O2A UD1 D . -3.32 -5.15 -2.75
O3A UD1 D . -1.21 -6.28 -2.88
PB UD1 D . -1.07 -6.98 -4.33
O1B UD1 D . 0.08 -7.91 -4.15
O2B UD1 D . -2.28 -7.81 -4.65
C1 GOL E . -36.78 -10.32 15.08
O1 GOL E . -37.87 -9.53 15.56
C2 GOL E . -37.20 -11.11 13.84
O2 GOL E . -37.62 -10.20 12.81
C3 GOL E . -36.04 -11.95 13.34
O3 GOL E . -36.42 -12.70 12.18
C1 GOL F . 19.24 10.08 0.23
O1 GOL F . 20.06 8.99 -0.19
C2 GOL F . 20.05 11.37 0.21
O2 GOL F . 20.55 11.61 -1.11
C3 GOL F . 19.17 12.53 0.66
O3 GOL F . 19.93 13.75 0.65
#